data_5UFJ
#
_entry.id   5UFJ
#
_cell.length_a   56.411
_cell.length_b   58.881
_cell.length_c   174.386
_cell.angle_alpha   90.00
_cell.angle_beta   90.00
_cell.angle_gamma   90.00
#
_symmetry.space_group_name_H-M   'P 21 21 21'
#
loop_
_entity.id
_entity.type
_entity.pdbx_description
1 polymer 'Hemoglobin subunit alpha'
2 polymer 'Hemoglobin subunit beta'
3 non-polymer 'PROTOPORPHYRIN IX CONTAINING FE'
4 non-polymer 'CARBON MONOXIDE'
5 non-polymer 5-[(imidazo[1,2-a]pyridin-8-yl)methoxy]-2-methoxypyridine-4-carbaldehyde
6 water water
#
loop_
_entity_poly.entity_id
_entity_poly.type
_entity_poly.pdbx_seq_one_letter_code
_entity_poly.pdbx_strand_id
1 'polypeptide(L)'
;VLSPADKTNVKAAWGKVGAHAGEYGAEALERMFLSFPTTKTYFPHFDLSHGSAQVKGHGKKVADALTNAVAHVDDMPNAL
SALSDLHAHKLRVDPVNFKLLSHCLLVTLAAHLPAEFTPAVHASLDKFLASVSTVLTSKYR
;
A,C
2 'polypeptide(L)'
;VHLTPVEKSAVTALWGKVNVDEVGGEALGRLLVVYPWTQRFFESFGDLSTPDAVMGNPKVKAHGKKVLGAFSDGLAHLDN
LKGTFATLSELHCDKLHVDPENFRLLGNVLVCVLAHHFGKEFTPPVQAAYQKVVAGVANALAHKYH
;
B,D
#
# COMPACT_ATOMS: atom_id res chain seq x y z
N VAL A 1 -9.24 -8.19 -8.60
CA VAL A 1 -10.08 -8.80 -9.63
C VAL A 1 -9.33 -9.70 -10.58
N LEU A 2 -9.59 -10.99 -10.47
CA LEU A 2 -8.89 -11.95 -11.28
C LEU A 2 -9.51 -12.21 -12.61
N SER A 3 -8.66 -12.35 -13.60
CA SER A 3 -9.12 -12.67 -14.92
C SER A 3 -9.35 -14.17 -15.08
N PRO A 4 -9.90 -14.57 -16.20
CA PRO A 4 -10.13 -15.99 -16.45
C PRO A 4 -8.77 -16.68 -16.41
N ALA A 5 -7.83 -16.16 -17.17
CA ALA A 5 -6.49 -16.72 -17.15
C ALA A 5 -5.96 -16.85 -15.72
N ASP A 6 -6.15 -15.82 -14.90
CA ASP A 6 -5.60 -15.84 -13.54
C ASP A 6 -6.07 -17.07 -12.77
N LYS A 7 -7.37 -17.33 -12.78
CA LYS A 7 -7.88 -18.47 -12.02
C LYS A 7 -7.32 -19.76 -12.56
N THR A 8 -7.14 -19.83 -13.88
CA THR A 8 -6.53 -21.02 -14.47
C THR A 8 -5.09 -21.16 -14.03
N ASN A 9 -4.35 -20.03 -13.99
CA ASN A 9 -2.95 -20.08 -13.56
C ASN A 9 -2.84 -20.49 -12.11
N VAL A 10 -3.66 -19.88 -11.26
CA VAL A 10 -3.62 -20.16 -9.84
C VAL A 10 -4.03 -21.60 -9.57
N LYS A 11 -5.05 -22.08 -10.28
CA LYS A 11 -5.42 -23.48 -10.19
C LYS A 11 -4.30 -24.38 -10.71
N ALA A 12 -3.69 -24.01 -11.84
CA ALA A 12 -2.65 -24.84 -12.43
C ALA A 12 -1.33 -24.76 -11.67
N ALA A 13 -1.05 -23.64 -11.01
CA ALA A 13 0.18 -23.53 -10.24
C ALA A 13 0.02 -24.13 -8.84
N TRP A 14 -1.05 -23.74 -8.14
CA TRP A 14 -1.23 -24.18 -6.78
C TRP A 14 -1.56 -25.67 -6.70
N GLY A 15 -2.20 -26.21 -7.74
CA GLY A 15 -2.46 -27.63 -7.77
C GLY A 15 -1.18 -28.46 -7.64
N LYS A 16 -0.13 -28.06 -8.37
CA LYS A 16 1.13 -28.78 -8.29
C LYS A 16 1.65 -28.84 -6.86
N VAL A 17 1.15 -27.99 -5.96
CA VAL A 17 1.49 -28.10 -4.54
C VAL A 17 1.05 -29.47 -4.06
N GLY A 18 -0.26 -29.68 -4.01
CA GLY A 18 -0.82 -30.98 -3.71
C GLY A 18 -0.30 -31.56 -2.40
N ALA A 19 0.38 -32.69 -2.51
CA ALA A 19 0.92 -33.37 -1.33
C ALA A 19 1.69 -32.43 -0.41
N HIS A 20 2.64 -31.67 -0.97
CA HIS A 20 3.54 -30.84 -0.17
C HIS A 20 2.84 -29.61 0.39
N ALA A 21 1.51 -29.64 0.47
CA ALA A 21 0.79 -28.45 0.93
C ALA A 21 1.30 -27.99 2.28
N GLY A 22 1.38 -28.90 3.25
CA GLY A 22 1.90 -28.51 4.56
C GLY A 22 3.33 -28.02 4.49
N GLU A 23 4.17 -28.74 3.74
CA GLU A 23 5.59 -28.39 3.62
C GLU A 23 5.78 -26.96 3.13
N TYR A 24 5.21 -26.61 1.97
CA TYR A 24 5.40 -25.24 1.47
C TYR A 24 4.77 -24.22 2.42
N GLY A 25 3.62 -24.57 3.00
CA GLY A 25 2.98 -23.65 3.92
C GLY A 25 3.86 -23.35 5.13
N ALA A 26 4.40 -24.40 5.74
CA ALA A 26 5.30 -24.21 6.86
C ALA A 26 6.54 -23.41 6.47
N GLU A 27 7.10 -23.70 5.29
CA GLU A 27 8.30 -22.98 4.86
C GLU A 27 8.04 -21.49 4.65
N ALA A 28 6.92 -21.13 4.00
CA ALA A 28 6.64 -19.71 3.81
C ALA A 28 6.45 -19.03 5.16
N LEU A 29 5.78 -19.73 6.06
CA LEU A 29 5.70 -19.33 7.45
C LEU A 29 7.10 -19.00 7.99
N GLU A 30 7.97 -20.03 8.01
CA GLU A 30 9.33 -19.81 8.50
C GLU A 30 10.01 -18.68 7.74
N ARG A 31 9.86 -18.65 6.42
CA ARG A 31 10.44 -17.56 5.65
C ARG A 31 9.99 -16.22 6.22
N MET A 32 8.67 -16.05 6.44
CA MET A 32 8.18 -14.80 7.02
C MET A 32 8.79 -14.50 8.41
N PHE A 33 8.78 -15.48 9.34
CA PHE A 33 9.24 -15.18 10.69
C PHE A 33 10.72 -14.81 10.74
N LEU A 34 11.56 -15.49 9.93
CA LEU A 34 12.98 -15.14 9.89
C LEU A 34 13.20 -13.80 9.18
N SER A 35 12.57 -13.63 8.01
CA SER A 35 12.80 -12.43 7.21
C SER A 35 12.16 -11.20 7.84
N PHE A 36 11.01 -11.36 8.50
CA PHE A 36 10.26 -10.23 9.03
C PHE A 36 9.83 -10.53 10.46
N PRO A 37 10.77 -10.42 11.42
CA PRO A 37 10.49 -10.87 12.80
C PRO A 37 9.29 -10.24 13.49
N THR A 38 8.93 -9.00 13.16
CA THR A 38 7.77 -8.39 13.82
C THR A 38 6.54 -9.26 13.69
N THR A 39 6.45 -10.05 12.61
CA THR A 39 5.25 -10.85 12.42
C THR A 39 5.09 -11.93 13.49
N LYS A 40 6.13 -12.22 14.29
CA LYS A 40 5.98 -13.20 15.36
C LYS A 40 5.04 -12.72 16.44
N THR A 41 4.91 -11.40 16.63
CA THR A 41 4.05 -10.82 17.67
C THR A 41 2.63 -11.36 17.66
N TYR A 42 2.17 -11.91 16.54
CA TYR A 42 0.86 -12.53 16.48
C TYR A 42 0.91 -14.01 16.86
N PHE A 43 2.09 -14.54 17.20
CA PHE A 43 2.26 -15.97 17.39
C PHE A 43 3.03 -16.28 18.69
N PRO A 44 2.79 -15.54 19.78
CA PRO A 44 3.56 -15.80 21.00
C PRO A 44 3.20 -17.13 21.63
N HIS A 45 2.01 -17.66 21.33
CA HIS A 45 1.57 -18.98 21.77
C HIS A 45 2.18 -20.12 20.96
N PHE A 46 2.78 -19.84 19.81
CA PHE A 46 3.36 -20.90 18.98
C PHE A 46 4.75 -21.26 19.48
N ASP A 47 5.18 -22.46 19.13
CA ASP A 47 6.60 -22.75 19.20
C ASP A 47 7.21 -22.25 17.90
N LEU A 48 7.95 -21.14 17.98
CA LEU A 48 8.52 -20.55 16.77
C LEU A 48 9.68 -21.37 16.21
N SER A 49 10.25 -22.27 17.00
CA SER A 49 11.49 -22.94 16.61
C SER A 49 11.39 -23.62 15.26
N HIS A 50 12.55 -23.85 14.63
CA HIS A 50 12.60 -24.44 13.31
C HIS A 50 12.08 -25.87 13.34
N GLY A 51 11.29 -26.23 12.33
CA GLY A 51 10.67 -27.53 12.31
C GLY A 51 9.58 -27.74 13.35
N SER A 52 9.24 -26.71 14.12
CA SER A 52 8.18 -26.80 15.13
C SER A 52 6.92 -27.42 14.56
N ALA A 53 6.48 -28.54 15.16
CA ALA A 53 5.26 -29.22 14.73
C ALA A 53 4.04 -28.31 14.71
N GLN A 54 4.03 -27.27 15.54
CA GLN A 54 2.93 -26.30 15.53
C GLN A 54 2.99 -25.40 14.30
N VAL A 55 4.20 -24.98 13.90
CA VAL A 55 4.33 -24.22 12.65
C VAL A 55 3.95 -25.11 11.47
N LYS A 56 4.41 -26.37 11.48
CA LYS A 56 4.08 -27.30 10.39
C LYS A 56 2.58 -27.57 10.29
N GLY A 57 1.94 -27.91 11.41
CA GLY A 57 0.49 -28.08 11.39
C GLY A 57 -0.18 -26.81 10.90
N HIS A 58 0.27 -25.66 11.38
CA HIS A 58 -0.27 -24.41 10.88
C HIS A 58 -0.11 -24.33 9.36
N GLY A 59 1.12 -24.48 8.87
CA GLY A 59 1.37 -24.45 7.44
C GLY A 59 0.33 -25.24 6.67
N LYS A 60 -0.02 -26.43 7.18
CA LYS A 60 -0.99 -27.25 6.47
C LYS A 60 -2.34 -26.55 6.36
N LYS A 61 -2.73 -25.77 7.37
CA LYS A 61 -4.02 -25.06 7.36
C LYS A 61 -4.02 -23.87 6.41
N VAL A 62 -2.99 -23.03 6.49
CA VAL A 62 -2.93 -21.88 5.57
C VAL A 62 -3.03 -22.37 4.13
N ALA A 63 -2.28 -23.45 3.83
CA ALA A 63 -2.26 -23.99 2.47
C ALA A 63 -3.62 -24.57 2.08
N ASP A 64 -4.22 -25.39 2.94
CA ASP A 64 -5.58 -25.85 2.64
C ASP A 64 -6.52 -24.66 2.58
N ALA A 65 -6.42 -23.76 3.57
CA ALA A 65 -7.12 -22.48 3.47
C ALA A 65 -6.95 -21.88 2.10
N LEU A 66 -5.70 -21.80 1.63
CA LEU A 66 -5.45 -21.25 0.31
C LEU A 66 -6.01 -22.15 -0.79
N THR A 67 -5.84 -23.49 -0.65
CA THR A 67 -6.49 -24.39 -1.60
C THR A 67 -8.00 -24.25 -1.51
N ASN A 68 -8.53 -24.09 -0.30
CA ASN A 68 -9.96 -23.79 -0.14
C ASN A 68 -10.33 -22.45 -0.81
N ALA A 69 -9.43 -21.45 -0.72
CA ALA A 69 -9.65 -20.17 -1.40
C ALA A 69 -9.51 -20.32 -2.90
N VAL A 70 -8.57 -21.14 -3.35
CA VAL A 70 -8.52 -21.51 -4.76
C VAL A 70 -9.81 -22.23 -5.14
N ALA A 71 -10.40 -22.97 -4.18
CA ALA A 71 -11.58 -23.77 -4.51
C ALA A 71 -12.82 -22.91 -4.61
N HIS A 72 -12.90 -21.84 -3.82
CA HIS A 72 -14.03 -20.93 -3.90
C HIS A 72 -13.60 -19.52 -4.33
N VAL A 73 -12.77 -19.42 -5.37
CA VAL A 73 -12.18 -18.12 -5.71
C VAL A 73 -13.25 -17.10 -6.05
N ASP A 74 -14.30 -17.53 -6.75
CA ASP A 74 -15.29 -16.59 -7.24
C ASP A 74 -16.36 -16.25 -6.21
N ASP A 75 -16.33 -16.90 -5.05
CA ASP A 75 -17.08 -16.46 -3.88
C ASP A 75 -16.18 -16.54 -2.66
N MET A 76 -14.98 -15.99 -2.77
CA MET A 76 -14.02 -16.02 -1.66
C MET A 76 -14.57 -15.39 -0.39
N PRO A 77 -15.26 -14.24 -0.44
CA PRO A 77 -15.75 -13.63 0.81
C PRO A 77 -16.66 -14.54 1.60
N ASN A 78 -17.70 -15.08 0.96
CA ASN A 78 -18.52 -16.12 1.60
C ASN A 78 -17.65 -17.29 2.06
N ALA A 79 -16.80 -17.81 1.16
CA ALA A 79 -15.97 -18.97 1.47
C ALA A 79 -14.94 -18.72 2.58
N LEU A 80 -14.62 -17.47 2.87
CA LEU A 80 -13.57 -17.15 3.83
C LEU A 80 -14.12 -16.41 5.04
N SER A 81 -15.44 -16.30 5.18
CA SER A 81 -15.97 -15.37 6.16
C SER A 81 -15.45 -15.69 7.55
N ALA A 82 -15.24 -16.97 7.84
CA ALA A 82 -14.70 -17.35 9.14
C ALA A 82 -13.27 -16.88 9.30
N LEU A 83 -12.44 -17.01 8.26
CA LEU A 83 -11.08 -16.50 8.38
C LEU A 83 -11.09 -14.97 8.47
N SER A 84 -11.98 -14.31 7.73
CA SER A 84 -12.13 -12.85 7.86
C SER A 84 -12.36 -12.46 9.31
N ASP A 85 -13.32 -13.12 9.97
CA ASP A 85 -13.64 -12.69 11.33
C ASP A 85 -12.48 -12.95 12.27
N LEU A 86 -11.74 -14.03 12.05
CA LEU A 86 -10.56 -14.29 12.85
C LEU A 86 -9.53 -13.17 12.69
N HIS A 87 -9.12 -12.90 11.44
CA HIS A 87 -7.97 -12.01 11.21
C HIS A 87 -8.34 -10.54 11.27
N ALA A 88 -9.54 -10.16 10.84
CA ALA A 88 -9.91 -8.76 10.83
C ALA A 88 -10.58 -8.35 12.14
N HIS A 89 -11.54 -9.15 12.60
CA HIS A 89 -12.31 -8.78 13.79
C HIS A 89 -11.52 -9.08 15.07
N LYS A 90 -11.06 -10.32 15.24
CA LYS A 90 -10.47 -10.66 16.53
C LYS A 90 -8.98 -10.39 16.59
N LEU A 91 -8.23 -10.62 15.50
CA LEU A 91 -6.78 -10.51 15.59
C LEU A 91 -6.23 -9.14 15.19
N ARG A 92 -6.98 -8.36 14.38
CA ARG A 92 -6.54 -7.02 13.99
C ARG A 92 -5.20 -7.01 13.27
N VAL A 93 -4.95 -8.02 12.43
CA VAL A 93 -3.72 -8.09 11.65
C VAL A 93 -3.59 -6.86 10.77
N ASP A 94 -2.56 -6.08 11.00
CA ASP A 94 -2.25 -4.99 10.09
C ASP A 94 -1.97 -5.53 8.67
N PRO A 95 -2.53 -4.89 7.63
CA PRO A 95 -2.50 -5.50 6.28
C PRO A 95 -1.10 -5.64 5.68
N VAL A 96 -0.14 -4.85 6.15
CA VAL A 96 1.22 -5.02 5.66
C VAL A 96 1.69 -6.45 5.88
N ASN A 97 1.29 -7.07 6.99
CA ASN A 97 1.76 -8.42 7.25
C ASN A 97 1.29 -9.39 6.20
N PHE A 98 0.11 -9.15 5.61
CA PHE A 98 -0.36 -10.01 4.53
C PHE A 98 0.50 -9.88 3.29
N LYS A 99 1.06 -8.69 3.06
CA LYS A 99 1.97 -8.53 1.94
C LYS A 99 3.27 -9.27 2.21
N LEU A 100 3.69 -9.34 3.46
CA LEU A 100 4.94 -10.04 3.76
C LEU A 100 4.74 -11.54 3.60
N LEU A 101 3.63 -12.08 4.13
CA LEU A 101 3.35 -13.49 3.97
C LEU A 101 3.15 -13.84 2.50
N SER A 102 2.51 -12.95 1.73
CA SER A 102 2.28 -13.19 0.32
C SER A 102 3.61 -13.20 -0.44
N HIS A 103 4.50 -12.27 -0.14
CA HIS A 103 5.83 -12.36 -0.70
C HIS A 103 6.49 -13.71 -0.37
N CYS A 104 6.47 -14.13 0.89
CA CYS A 104 7.18 -15.35 1.25
C CYS A 104 6.55 -16.58 0.62
N LEU A 105 5.25 -16.53 0.35
CA LEU A 105 4.63 -17.64 -0.37
C LEU A 105 5.13 -17.67 -1.81
N LEU A 106 5.23 -16.49 -2.45
CA LEU A 106 5.75 -16.42 -3.82
C LEU A 106 7.18 -16.92 -3.90
N VAL A 107 8.02 -16.55 -2.93
CA VAL A 107 9.39 -17.05 -2.87
C VAL A 107 9.42 -18.57 -2.77
N THR A 108 8.62 -19.13 -1.84
CA THR A 108 8.59 -20.58 -1.65
C THR A 108 8.19 -21.26 -2.95
N LEU A 109 7.17 -20.72 -3.61
CA LEU A 109 6.73 -21.26 -4.89
C LEU A 109 7.84 -21.15 -5.93
N ALA A 110 8.47 -19.97 -6.03
CA ALA A 110 9.57 -19.85 -6.99
C ALA A 110 10.70 -20.83 -6.68
N ALA A 111 10.94 -21.09 -5.40
CA ALA A 111 12.05 -21.98 -5.04
C ALA A 111 11.74 -23.44 -5.33
N HIS A 112 10.49 -23.84 -5.11
CA HIS A 112 10.10 -25.23 -5.22
C HIS A 112 9.49 -25.59 -6.56
N LEU A 113 8.92 -24.60 -7.29
CA LEU A 113 8.21 -24.89 -8.53
C LEU A 113 8.68 -24.00 -9.68
N PRO A 114 9.99 -23.99 -9.97
CA PRO A 114 10.50 -23.10 -11.03
C PRO A 114 9.81 -23.23 -12.38
N ALA A 115 9.45 -24.44 -12.80
CA ALA A 115 8.85 -24.59 -14.12
C ALA A 115 7.46 -24.00 -14.17
N GLU A 116 6.76 -23.97 -13.05
CA GLU A 116 5.45 -23.35 -12.98
C GLU A 116 5.52 -21.85 -12.77
N PHE A 117 6.63 -21.32 -12.25
CA PHE A 117 6.71 -19.91 -11.87
C PHE A 117 7.11 -19.03 -13.07
N THR A 118 6.31 -19.12 -14.14
CA THR A 118 6.48 -18.21 -15.25
C THR A 118 6.05 -16.81 -14.82
N PRO A 119 6.49 -15.79 -15.54
CA PRO A 119 6.05 -14.42 -15.21
C PRO A 119 4.53 -14.30 -15.13
N ALA A 120 3.81 -14.91 -16.08
CA ALA A 120 2.36 -14.84 -16.09
C ALA A 120 1.76 -15.47 -14.84
N VAL A 121 2.28 -16.63 -14.42
CA VAL A 121 1.71 -17.27 -13.25
C VAL A 121 2.04 -16.46 -12.01
N HIS A 122 3.25 -15.88 -11.97
CA HIS A 122 3.65 -15.05 -10.84
C HIS A 122 2.71 -13.85 -10.69
N ALA A 123 2.39 -13.18 -11.80
CA ALA A 123 1.41 -12.10 -11.72
C ALA A 123 0.07 -12.61 -11.20
N SER A 124 -0.36 -13.80 -11.62
CA SER A 124 -1.67 -14.26 -11.18
C SER A 124 -1.68 -14.59 -9.69
N LEU A 125 -0.64 -15.28 -9.21
CA LEU A 125 -0.57 -15.64 -7.80
C LEU A 125 -0.51 -14.39 -6.94
N ASP A 126 0.24 -13.39 -7.38
CA ASP A 126 0.34 -12.16 -6.64
C ASP A 126 -1.01 -11.49 -6.49
N LYS A 127 -1.81 -11.48 -7.57
CA LYS A 127 -3.14 -10.91 -7.47
C LYS A 127 -4.04 -11.78 -6.60
N PHE A 128 -3.98 -13.09 -6.82
CA PHE A 128 -4.79 -13.98 -6.00
C PHE A 128 -4.46 -13.76 -4.52
N LEU A 129 -3.17 -13.69 -4.20
CA LEU A 129 -2.78 -13.50 -2.80
C LEU A 129 -3.17 -12.13 -2.28
N ALA A 130 -3.12 -11.10 -3.12
CA ALA A 130 -3.69 -9.81 -2.74
C ALA A 130 -5.19 -9.91 -2.52
N SER A 131 -5.87 -10.72 -3.33
CA SER A 131 -7.32 -10.87 -3.15
CA SER A 131 -7.31 -10.87 -3.15
C SER A 131 -7.63 -11.54 -1.82
N VAL A 132 -6.89 -12.61 -1.48
CA VAL A 132 -7.10 -13.25 -0.19
C VAL A 132 -6.78 -12.27 0.92
N SER A 133 -5.74 -11.46 0.73
CA SER A 133 -5.35 -10.52 1.76
C SER A 133 -6.46 -9.49 2.01
N THR A 134 -7.08 -8.96 0.96
CA THR A 134 -8.16 -7.99 1.20
C THR A 134 -9.30 -8.65 1.94
N VAL A 135 -9.72 -9.83 1.49
CA VAL A 135 -10.88 -10.47 2.13
C VAL A 135 -10.57 -10.73 3.58
N LEU A 136 -9.35 -11.20 3.88
CA LEU A 136 -9.00 -11.56 5.24
C LEU A 136 -8.81 -10.35 6.15
N THR A 137 -8.62 -9.15 5.58
CA THR A 137 -8.43 -7.97 6.41
C THR A 137 -9.66 -7.06 6.45
N SER A 138 -10.77 -7.45 5.81
CA SER A 138 -11.96 -6.64 5.74
C SER A 138 -13.01 -7.14 6.73
N LYS A 139 -13.70 -6.21 7.38
CA LYS A 139 -14.85 -6.53 8.22
C LYS A 139 -16.09 -6.36 7.34
N TYR A 140 -16.70 -7.49 6.96
CA TYR A 140 -17.85 -7.43 6.06
C TYR A 140 -19.05 -8.25 6.52
N ARG A 141 -18.99 -8.86 7.69
CA ARG A 141 -20.16 -9.57 8.23
C ARG A 141 -20.06 -9.75 9.73
N VAL B 1 22.67 -1.23 6.72
CA VAL B 1 22.24 -2.60 7.01
C VAL B 1 23.41 -3.38 7.58
N HIS B 2 23.15 -4.15 8.62
CA HIS B 2 24.17 -4.98 9.26
C HIS B 2 23.84 -6.45 9.04
N LEU B 3 24.66 -7.13 8.24
CA LEU B 3 24.60 -8.57 8.14
C LEU B 3 25.61 -9.18 9.11
N THR B 4 25.33 -10.39 9.57
CA THR B 4 26.31 -11.15 10.33
C THR B 4 27.38 -11.72 9.40
N PRO B 5 28.56 -12.07 9.93
CA PRO B 5 29.55 -12.73 9.06
C PRO B 5 28.96 -13.91 8.33
N VAL B 6 28.01 -14.61 8.95
CA VAL B 6 27.45 -15.81 8.34
C VAL B 6 26.53 -15.47 7.18
N GLU B 7 25.52 -14.63 7.43
CA GLU B 7 24.68 -14.23 6.30
C GLU B 7 25.52 -13.49 5.25
N LYS B 8 26.57 -12.76 5.67
CA LYS B 8 27.49 -12.15 4.71
C LYS B 8 28.10 -13.21 3.79
N SER B 9 28.66 -14.27 4.37
CA SER B 9 29.28 -15.32 3.55
C SER B 9 28.26 -15.98 2.64
N ALA B 10 27.06 -16.27 3.14
CA ALA B 10 26.10 -17.01 2.34
C ALA B 10 25.51 -16.13 1.22
N VAL B 11 25.29 -14.84 1.51
CA VAL B 11 24.83 -13.92 0.46
C VAL B 11 25.87 -13.81 -0.64
N THR B 12 27.13 -13.62 -0.24
CA THR B 12 28.16 -13.33 -1.24
C THR B 12 28.43 -14.55 -2.10
N ALA B 13 28.41 -15.74 -1.50
CA ALA B 13 28.62 -16.97 -2.28
C ALA B 13 27.52 -17.18 -3.30
N LEU B 14 26.25 -16.95 -2.92
CA LEU B 14 25.15 -17.06 -3.87
C LEU B 14 25.31 -16.07 -5.01
N TRP B 15 25.54 -14.80 -4.67
CA TRP B 15 25.67 -13.74 -5.67
C TRP B 15 26.76 -14.04 -6.68
N GLY B 16 27.85 -14.68 -6.22
CA GLY B 16 28.92 -15.09 -7.10
C GLY B 16 28.52 -16.11 -8.13
N LYS B 17 27.35 -16.71 -7.98
CA LYS B 17 26.80 -17.62 -8.98
C LYS B 17 25.79 -16.95 -9.90
N VAL B 18 25.41 -15.69 -9.64
CA VAL B 18 24.35 -15.02 -10.40
C VAL B 18 24.78 -14.82 -11.85
N ASN B 19 23.85 -15.08 -12.77
CA ASN B 19 24.12 -14.85 -14.19
C ASN B 19 23.94 -13.35 -14.42
N VAL B 20 25.07 -12.63 -14.45
CA VAL B 20 25.06 -11.17 -14.45
C VAL B 20 24.41 -10.61 -15.71
N ASP B 21 24.21 -11.44 -16.74
CA ASP B 21 23.63 -10.97 -17.98
C ASP B 21 22.13 -11.25 -18.10
N GLU B 22 21.53 -12.01 -17.18
CA GLU B 22 20.11 -12.35 -17.30
C GLU B 22 19.27 -12.00 -16.09
N VAL B 23 19.80 -12.20 -14.88
CA VAL B 23 18.98 -12.04 -13.68
C VAL B 23 18.38 -10.65 -13.62
N GLY B 24 19.18 -9.63 -13.96
CA GLY B 24 18.68 -8.27 -13.94
C GLY B 24 17.50 -8.09 -14.87
N GLY B 25 17.61 -8.60 -16.09
CA GLY B 25 16.52 -8.51 -17.04
C GLY B 25 15.28 -9.28 -16.62
N GLU B 26 15.46 -10.44 -15.98
CA GLU B 26 14.32 -11.17 -15.44
C GLU B 26 13.60 -10.39 -14.33
N ALA B 27 14.35 -9.76 -13.43
CA ALA B 27 13.71 -9.00 -12.36
C ALA B 27 12.91 -7.83 -12.92
N LEU B 28 13.51 -7.07 -13.84
CA LEU B 28 12.79 -5.95 -14.45
C LEU B 28 11.60 -6.42 -15.25
N GLY B 29 11.80 -7.44 -16.10
CA GLY B 29 10.69 -7.97 -16.88
C GLY B 29 9.51 -8.37 -16.01
N ARG B 30 9.80 -9.03 -14.89
CA ARG B 30 8.73 -9.45 -14.00
C ARG B 30 8.07 -8.24 -13.34
N LEU B 31 8.87 -7.27 -12.91
CA LEU B 31 8.27 -6.06 -12.35
C LEU B 31 7.22 -5.49 -13.30
N LEU B 32 7.57 -5.41 -14.58
CA LEU B 32 6.70 -4.85 -15.61
C LEU B 32 5.51 -5.73 -15.91
N VAL B 33 5.66 -7.04 -15.71
CA VAL B 33 4.55 -7.96 -15.92
C VAL B 33 3.67 -8.02 -14.69
N VAL B 34 4.28 -8.04 -13.50
CA VAL B 34 3.51 -8.18 -12.28
C VAL B 34 2.86 -6.87 -11.86
N TYR B 35 3.51 -5.75 -12.15
CA TYR B 35 3.05 -4.42 -11.70
C TYR B 35 2.97 -3.56 -12.95
N PRO B 36 1.94 -3.78 -13.77
CA PRO B 36 1.97 -3.23 -15.14
C PRO B 36 2.09 -1.72 -15.22
N TRP B 37 1.75 -0.99 -14.16
CA TRP B 37 1.88 0.47 -14.19
C TRP B 37 3.32 0.93 -14.21
N THR B 38 4.26 0.08 -13.82
CA THR B 38 5.67 0.46 -13.92
C THR B 38 6.10 0.57 -15.38
N GLN B 39 5.28 0.07 -16.30
CA GLN B 39 5.52 0.15 -17.74
C GLN B 39 5.51 1.60 -18.24
N ARG B 40 4.77 2.48 -17.59
CA ARG B 40 4.73 3.91 -17.87
C ARG B 40 6.08 4.61 -17.82
N PHE B 41 7.02 4.15 -17.01
CA PHE B 41 8.32 4.73 -16.95
C PHE B 41 9.23 4.26 -18.11
N PHE B 42 8.83 3.24 -18.84
CA PHE B 42 9.62 2.68 -19.91
C PHE B 42 8.94 2.65 -21.27
N GLU B 43 8.28 3.73 -21.63
CA GLU B 43 7.58 3.78 -22.90
C GLU B 43 8.52 3.66 -24.10
N SER B 44 9.75 4.13 -23.91
CA SER B 44 10.75 4.13 -24.96
C SER B 44 11.47 2.79 -25.10
N PHE B 45 10.90 1.71 -24.56
CA PHE B 45 11.50 0.39 -24.69
C PHE B 45 10.82 -0.47 -25.74
N GLY B 46 9.69 -0.02 -26.29
CA GLY B 46 9.11 -0.69 -27.42
C GLY B 46 7.99 -1.65 -27.06
N ASP B 47 8.16 -2.91 -27.41
CA ASP B 47 7.12 -3.91 -27.21
C ASP B 47 7.11 -4.35 -25.75
N LEU B 48 6.03 -4.01 -25.04
CA LEU B 48 5.73 -4.48 -23.70
C LEU B 48 4.32 -5.04 -23.62
N SER B 49 3.87 -5.65 -24.71
CA SER B 49 2.46 -5.94 -24.90
C SER B 49 2.03 -7.24 -24.24
N THR B 50 2.92 -8.21 -24.17
CA THR B 50 2.61 -9.44 -23.47
C THR B 50 3.77 -9.81 -22.57
N PRO B 51 3.59 -10.77 -21.67
CA PRO B 51 4.72 -11.25 -20.85
C PRO B 51 5.89 -11.78 -21.69
N ASP B 52 5.62 -12.62 -22.68
CA ASP B 52 6.71 -13.12 -23.52
C ASP B 52 7.41 -11.97 -24.23
N ALA B 53 6.64 -10.98 -24.69
CA ALA B 53 7.22 -9.78 -25.27
C ALA B 53 8.10 -9.04 -24.26
N VAL B 54 7.60 -8.85 -23.03
CA VAL B 54 8.39 -8.16 -22.03
C VAL B 54 9.72 -8.86 -21.81
N MET B 55 9.67 -10.17 -21.55
CA MET B 55 10.87 -10.85 -21.09
C MET B 55 11.91 -10.98 -22.20
N GLY B 56 11.46 -11.03 -23.47
CA GLY B 56 12.39 -11.12 -24.59
C GLY B 56 12.88 -9.78 -25.11
N ASN B 57 12.24 -8.68 -24.70
CA ASN B 57 12.57 -7.34 -25.20
C ASN B 57 14.04 -7.01 -24.92
N PRO B 58 14.84 -6.69 -25.95
CA PRO B 58 16.28 -6.52 -25.71
C PRO B 58 16.61 -5.31 -24.85
N LYS B 59 15.84 -4.23 -24.94
CA LYS B 59 16.07 -3.10 -24.05
C LYS B 59 15.79 -3.47 -22.60
N VAL B 60 14.73 -4.25 -22.36
CA VAL B 60 14.44 -4.70 -21.00
C VAL B 60 15.67 -5.42 -20.43
N LYS B 61 16.23 -6.35 -21.20
CA LYS B 61 17.42 -7.06 -20.71
C LYS B 61 18.57 -6.08 -20.49
N ALA B 62 18.86 -5.27 -21.50
CA ALA B 62 19.89 -4.24 -21.40
C ALA B 62 19.79 -3.46 -20.10
N HIS B 63 18.63 -2.86 -19.84
CA HIS B 63 18.50 -2.05 -18.64
C HIS B 63 18.49 -2.91 -17.38
N GLY B 64 18.10 -4.17 -17.49
CA GLY B 64 18.18 -5.06 -16.34
C GLY B 64 19.59 -5.30 -15.86
N LYS B 65 20.52 -5.51 -16.79
CA LYS B 65 21.91 -5.69 -16.39
C LYS B 65 22.43 -4.45 -15.67
N LYS B 66 22.02 -3.25 -16.11
CA LYS B 66 22.47 -2.05 -15.41
C LYS B 66 21.94 -2.00 -13.98
N VAL B 67 20.68 -2.39 -13.79
CA VAL B 67 20.08 -2.35 -12.47
C VAL B 67 20.71 -3.39 -11.56
N LEU B 68 20.87 -4.62 -12.07
CA LEU B 68 21.62 -5.64 -11.36
C LEU B 68 22.98 -5.11 -10.93
N GLY B 69 23.57 -4.22 -11.73
CA GLY B 69 24.89 -3.71 -11.43
C GLY B 69 24.89 -2.78 -10.23
N ALA B 70 23.80 -2.03 -10.04
CA ALA B 70 23.73 -1.18 -8.85
C ALA B 70 23.59 -2.02 -7.60
N PHE B 71 22.73 -3.03 -7.64
CA PHE B 71 22.61 -3.92 -6.49
C PHE B 71 23.96 -4.51 -6.11
N SER B 72 24.86 -4.70 -7.10
CA SER B 72 26.21 -5.17 -6.78
C SER B 72 27.00 -4.12 -6.03
N ASP B 73 27.02 -2.88 -6.53
CA ASP B 73 27.70 -1.81 -5.82
CA ASP B 73 27.70 -1.81 -5.82
C ASP B 73 27.22 -1.70 -4.38
N GLY B 74 25.90 -1.78 -4.18
CA GLY B 74 25.37 -1.75 -2.82
C GLY B 74 25.90 -2.88 -1.97
N LEU B 75 26.08 -4.06 -2.57
CA LEU B 75 26.53 -5.23 -1.80
C LEU B 75 27.94 -5.06 -1.27
N ALA B 76 28.78 -4.27 -1.96
CA ALA B 76 30.13 -3.98 -1.48
C ALA B 76 30.19 -2.74 -0.59
N HIS B 77 29.07 -2.04 -0.41
CA HIS B 77 28.97 -0.81 0.37
C HIS B 77 27.75 -0.85 1.27
N LEU B 78 27.52 -1.98 1.95
CA LEU B 78 26.39 -2.09 2.85
C LEU B 78 26.41 -1.02 3.95
N ASP B 79 27.58 -0.43 4.21
CA ASP B 79 27.76 0.57 5.24
C ASP B 79 26.96 1.83 4.95
N ASN B 80 27.40 2.61 3.98
CA ASN B 80 26.69 3.82 3.61
C ASN B 80 25.96 3.60 2.28
N LEU B 81 24.95 2.74 2.35
CA LEU B 81 24.09 2.61 1.19
C LEU B 81 23.49 3.97 0.83
N LYS B 82 23.35 4.86 1.82
CA LYS B 82 22.81 6.18 1.54
C LYS B 82 23.72 6.95 0.58
N GLY B 83 25.01 7.03 0.91
CA GLY B 83 25.95 7.68 0.01
C GLY B 83 26.07 6.96 -1.31
N THR B 84 26.35 5.66 -1.27
CA THR B 84 26.55 4.89 -2.50
C THR B 84 25.42 5.13 -3.50
N PHE B 85 24.21 5.43 -3.01
CA PHE B 85 23.06 5.63 -3.88
C PHE B 85 22.59 7.07 -3.91
N ALA B 86 23.35 8.00 -3.33
CA ALA B 86 22.92 9.40 -3.29
C ALA B 86 22.57 9.92 -4.69
N THR B 87 23.45 9.69 -5.66
CA THR B 87 23.17 10.14 -7.01
C THR B 87 21.96 9.42 -7.59
N LEU B 88 21.93 8.09 -7.51
CA LEU B 88 20.77 7.36 -8.01
C LEU B 88 19.49 7.84 -7.33
N SER B 89 19.56 8.20 -6.05
CA SER B 89 18.37 8.74 -5.41
C SER B 89 17.96 10.05 -6.05
N GLU B 90 18.94 10.88 -6.42
CA GLU B 90 18.65 12.10 -7.17
C GLU B 90 17.76 11.79 -8.37
N LEU B 91 18.12 10.76 -9.14
CA LEU B 91 17.41 10.49 -10.38
C LEU B 91 15.98 10.05 -10.13
N HIS B 92 15.79 8.91 -9.47
CA HIS B 92 14.45 8.34 -9.37
C HIS B 92 13.50 9.24 -8.61
N CYS B 93 14.02 10.05 -7.68
CA CYS B 93 13.14 10.83 -6.82
C CYS B 93 12.91 12.25 -7.35
N ASP B 94 14.00 12.99 -7.60
CA ASP B 94 13.85 14.34 -8.12
C ASP B 94 13.53 14.34 -9.61
N LYS B 95 14.34 13.65 -10.42
CA LYS B 95 14.12 13.66 -11.86
C LYS B 95 12.93 12.81 -12.27
N LEU B 96 12.85 11.58 -11.77
CA LEU B 96 11.92 10.59 -12.31
C LEU B 96 10.60 10.51 -11.56
N HIS B 97 10.54 10.96 -10.32
CA HIS B 97 9.27 10.95 -9.56
C HIS B 97 8.68 9.53 -9.47
N VAL B 98 9.53 8.57 -9.16
CA VAL B 98 9.09 7.19 -8.95
C VAL B 98 8.55 7.07 -7.52
N ASP B 99 7.31 6.63 -7.40
CA ASP B 99 6.78 6.48 -6.05
C ASP B 99 7.61 5.45 -5.31
N PRO B 100 8.17 5.78 -4.14
CA PRO B 100 9.13 4.86 -3.51
C PRO B 100 8.56 3.47 -3.17
N GLU B 101 7.24 3.28 -3.18
CA GLU B 101 6.70 1.92 -3.03
C GLU B 101 7.24 0.97 -4.09
N ASN B 102 7.46 1.46 -5.32
CA ASN B 102 8.00 0.63 -6.41
C ASN B 102 9.42 0.16 -6.16
N PHE B 103 10.19 0.85 -5.32
CA PHE B 103 11.53 0.35 -5.00
C PHE B 103 11.45 -0.93 -4.20
N ARG B 104 10.53 -0.98 -3.23
CA ARG B 104 10.29 -2.19 -2.48
C ARG B 104 9.84 -3.31 -3.40
N LEU B 105 8.99 -2.99 -4.38
CA LEU B 105 8.49 -4.02 -5.28
C LEU B 105 9.63 -4.67 -6.05
N LEU B 106 10.50 -3.86 -6.67
CA LEU B 106 11.57 -4.44 -7.48
C LEU B 106 12.54 -5.27 -6.64
N GLY B 107 12.84 -4.82 -5.43
CA GLY B 107 13.71 -5.63 -4.57
C GLY B 107 13.07 -6.98 -4.25
N ASN B 108 11.74 -6.98 -4.04
CA ASN B 108 11.06 -8.23 -3.76
C ASN B 108 10.93 -9.09 -5.02
N VAL B 109 10.68 -8.47 -6.16
CA VAL B 109 10.78 -9.22 -7.41
C VAL B 109 12.17 -9.85 -7.55
N LEU B 110 13.23 -9.05 -7.35
CA LEU B 110 14.58 -9.60 -7.45
C LEU B 110 14.77 -10.77 -6.49
N VAL B 111 14.22 -10.67 -5.28
CA VAL B 111 14.30 -11.78 -4.34
C VAL B 111 13.61 -13.00 -4.92
N CYS B 112 12.44 -12.81 -5.53
CA CYS B 112 11.76 -13.93 -6.18
C CYS B 112 12.63 -14.53 -7.29
N VAL B 113 13.34 -13.68 -8.05
CA VAL B 113 14.19 -14.20 -9.13
C VAL B 113 15.33 -15.03 -8.57
N LEU B 114 15.95 -14.62 -7.46
CA LEU B 114 17.03 -15.44 -6.92
C LEU B 114 16.50 -16.80 -6.45
N ALA B 115 15.35 -16.79 -5.75
CA ALA B 115 14.68 -18.04 -5.40
C ALA B 115 14.46 -18.92 -6.64
N HIS B 116 13.83 -18.35 -7.68
CA HIS B 116 13.62 -19.08 -8.92
C HIS B 116 14.91 -19.75 -9.40
N HIS B 117 16.02 -19.01 -9.39
CA HIS B 117 17.27 -19.55 -9.91
C HIS B 117 17.90 -20.59 -8.97
N PHE B 118 17.87 -20.35 -7.67
CA PHE B 118 18.66 -21.14 -6.75
C PHE B 118 17.87 -22.18 -5.97
N GLY B 119 16.53 -22.13 -5.98
CA GLY B 119 15.78 -23.22 -5.39
C GLY B 119 16.13 -23.41 -3.93
N LYS B 120 16.30 -24.69 -3.54
CA LYS B 120 16.56 -25.02 -2.14
C LYS B 120 17.80 -24.33 -1.60
N GLU B 121 18.73 -23.96 -2.48
CA GLU B 121 19.89 -23.19 -2.06
C GLU B 121 19.49 -21.82 -1.51
N PHE B 122 18.38 -21.27 -1.98
CA PHE B 122 17.84 -20.03 -1.43
C PHE B 122 17.02 -20.37 -0.17
N THR B 123 17.73 -20.64 0.91
CA THR B 123 17.10 -21.05 2.15
C THR B 123 16.45 -19.89 2.88
N PRO B 124 15.66 -20.19 3.89
CA PRO B 124 15.02 -19.11 4.67
C PRO B 124 16.05 -18.17 5.25
N PRO B 125 17.10 -18.68 5.92
CA PRO B 125 18.13 -17.76 6.43
C PRO B 125 18.76 -16.92 5.33
N VAL B 126 19.11 -17.56 4.22
CA VAL B 126 19.66 -16.85 3.07
C VAL B 126 18.70 -15.75 2.61
N GLN B 127 17.43 -16.08 2.39
CA GLN B 127 16.51 -15.02 1.96
C GLN B 127 16.47 -13.92 3.00
N ALA B 128 16.46 -14.29 4.28
CA ALA B 128 16.39 -13.27 5.32
C ALA B 128 17.51 -12.25 5.14
N ALA B 129 18.73 -12.73 4.89
CA ALA B 129 19.86 -11.84 4.61
C ALA B 129 19.58 -10.93 3.41
N TYR B 130 19.18 -11.51 2.28
CA TYR B 130 18.86 -10.68 1.11
C TYR B 130 17.73 -9.69 1.39
N GLN B 131 16.70 -10.10 2.15
CA GLN B 131 15.66 -9.13 2.48
C GLN B 131 16.29 -7.92 3.16
N LYS B 132 17.20 -8.15 4.11
CA LYS B 132 17.92 -7.05 4.74
C LYS B 132 18.55 -6.16 3.67
N VAL B 133 19.22 -6.77 2.68
CA VAL B 133 19.91 -6.00 1.66
C VAL B 133 18.92 -5.18 0.83
N VAL B 134 17.90 -5.82 0.24
CA VAL B 134 17.04 -5.05 -0.66
C VAL B 134 16.20 -4.04 0.12
N ALA B 135 15.85 -4.34 1.38
CA ALA B 135 15.31 -3.29 2.24
C ALA B 135 16.31 -2.14 2.35
N GLY B 136 17.58 -2.46 2.54
CA GLY B 136 18.59 -1.42 2.59
C GLY B 136 18.64 -0.60 1.31
N VAL B 137 18.69 -1.29 0.16
CA VAL B 137 18.87 -0.59 -1.11
C VAL B 137 17.68 0.32 -1.40
N ALA B 138 16.46 -0.20 -1.27
CA ALA B 138 15.28 0.62 -1.46
C ALA B 138 15.29 1.84 -0.54
N ASN B 139 15.72 1.65 0.71
CA ASN B 139 15.85 2.78 1.62
C ASN B 139 16.72 3.88 1.00
N ALA B 140 17.92 3.50 0.55
CA ALA B 140 18.86 4.48 0.02
C ALA B 140 18.40 5.09 -1.30
N LEU B 141 17.51 4.41 -2.03
CA LEU B 141 16.93 5.03 -3.21
C LEU B 141 15.99 6.16 -2.82
N ALA B 142 15.15 5.93 -1.81
CA ALA B 142 14.19 6.91 -1.35
C ALA B 142 14.79 7.93 -0.39
N HIS B 143 16.12 7.98 -0.29
CA HIS B 143 16.76 8.92 0.63
C HIS B 143 16.39 10.36 0.31
N LYS B 144 16.24 10.70 -0.98
CA LYS B 144 15.93 12.09 -1.33
C LYS B 144 14.47 12.42 -1.08
N TYR B 145 13.58 11.44 -1.19
CA TYR B 145 12.23 11.60 -0.67
C TYR B 145 12.22 11.80 0.85
N HIS B 146 13.38 11.77 1.49
CA HIS B 146 13.50 11.82 2.93
C HIS B 146 14.06 13.19 3.36
N VAL C 1 -13.94 -5.55 0.85
CA VAL C 1 -15.25 -6.14 0.76
C VAL C 1 -16.25 -5.36 1.60
N LEU C 2 -17.29 -4.88 0.96
CA LEU C 2 -18.28 -4.09 1.64
C LEU C 2 -19.37 -4.88 2.35
N SER C 3 -19.63 -4.50 3.58
CA SER C 3 -20.69 -5.10 4.39
C SER C 3 -22.03 -4.54 4.01
N PRO C 4 -23.08 -5.14 4.54
CA PRO C 4 -24.45 -4.69 4.28
C PRO C 4 -24.58 -3.25 4.70
N ALA C 5 -24.07 -2.90 5.86
CA ALA C 5 -24.13 -1.53 6.33
C ALA C 5 -23.32 -0.59 5.46
N ASP C 6 -22.13 -1.04 5.01
CA ASP C 6 -21.35 -0.25 4.08
C ASP C 6 -22.20 0.15 2.86
N LYS C 7 -22.85 -0.84 2.26
CA LYS C 7 -23.63 -0.58 1.05
C LYS C 7 -24.69 0.47 1.30
N THR C 8 -25.44 0.34 2.39
CA THR C 8 -26.53 1.28 2.65
C THR C 8 -25.97 2.65 2.99
N ASN C 9 -24.92 2.68 3.81
CA ASN C 9 -24.18 3.90 4.08
C ASN C 9 -23.87 4.63 2.77
N VAL C 10 -23.25 3.94 1.82
CA VAL C 10 -22.73 4.62 0.62
C VAL C 10 -23.88 5.17 -0.22
N LYS C 11 -24.94 4.39 -0.41
CA LYS C 11 -26.02 4.80 -1.30
C LYS C 11 -26.76 6.00 -0.74
N ALA C 12 -26.98 6.02 0.58
CA ALA C 12 -27.66 7.16 1.18
C ALA C 12 -26.75 8.37 1.19
N ALA C 13 -25.47 8.17 1.46
CA ALA C 13 -24.51 9.28 1.39
C ALA C 13 -24.41 9.85 -0.02
N TRP C 14 -24.32 8.98 -1.03
CA TRP C 14 -24.24 9.46 -2.40
C TRP C 14 -25.50 10.22 -2.79
N GLY C 15 -26.68 9.63 -2.51
CA GLY C 15 -27.93 10.30 -2.82
C GLY C 15 -27.98 11.72 -2.29
N LYS C 16 -27.29 11.99 -1.19
CA LYS C 16 -27.20 13.35 -0.65
C LYS C 16 -26.29 14.25 -1.47
N VAL C 17 -25.31 13.69 -2.20
CA VAL C 17 -24.54 14.54 -3.11
C VAL C 17 -25.46 15.18 -4.12
N GLY C 18 -26.41 14.39 -4.65
CA GLY C 18 -27.46 14.94 -5.50
C GLY C 18 -26.91 15.58 -6.75
N ALA C 19 -27.34 16.81 -7.00
CA ALA C 19 -26.98 17.54 -8.21
C ALA C 19 -25.58 18.14 -8.12
N HIS C 20 -24.87 17.96 -7.00
CA HIS C 20 -23.54 18.49 -6.82
C HIS C 20 -22.45 17.49 -7.19
N ALA C 21 -22.81 16.31 -7.66
CA ALA C 21 -21.79 15.28 -7.95
C ALA C 21 -20.68 15.84 -8.85
N GLY C 22 -21.06 16.35 -10.02
CA GLY C 22 -20.07 16.90 -10.93
C GLY C 22 -19.20 17.96 -10.29
N GLU C 23 -19.82 18.89 -9.55
CA GLU C 23 -19.06 19.90 -8.80
C GLU C 23 -18.09 19.26 -7.81
N TYR C 24 -18.49 18.16 -7.16
CA TYR C 24 -17.59 17.58 -6.16
C TYR C 24 -16.44 16.83 -6.83
N GLY C 25 -16.73 16.15 -7.95
CA GLY C 25 -15.70 15.62 -8.80
C GLY C 25 -14.63 16.64 -9.15
N ALA C 26 -15.04 17.79 -9.68
CA ALA C 26 -14.04 18.78 -10.08
C ALA C 26 -13.25 19.33 -8.89
N GLU C 27 -13.86 19.45 -7.72
CA GLU C 27 -13.12 19.97 -6.58
C GLU C 27 -12.09 18.95 -6.06
N ALA C 28 -12.51 17.70 -5.94
CA ALA C 28 -11.57 16.63 -5.61
C ALA C 28 -10.39 16.61 -6.57
N LEU C 29 -10.67 16.75 -7.87
CA LEU C 29 -9.63 16.85 -8.89
C LEU C 29 -8.67 18.00 -8.59
N GLU C 30 -9.21 19.21 -8.43
CA GLU C 30 -8.37 20.38 -8.18
C GLU C 30 -7.52 20.17 -6.93
N ARG C 31 -8.13 19.67 -5.86
CA ARG C 31 -7.41 19.41 -4.62
C ARG C 31 -6.25 18.43 -4.85
N MET C 32 -6.48 17.39 -5.65
CA MET C 32 -5.43 16.43 -5.94
C MET C 32 -4.30 17.07 -6.74
N PHE C 33 -4.64 17.81 -7.81
CA PHE C 33 -3.60 18.45 -8.61
C PHE C 33 -2.78 19.44 -7.79
N LEU C 34 -3.41 20.19 -6.88
CA LEU C 34 -2.64 21.13 -6.08
C LEU C 34 -1.91 20.44 -4.94
N SER C 35 -2.57 19.47 -4.30
CA SER C 35 -1.94 18.79 -3.17
C SER C 35 -0.83 17.85 -3.63
N PHE C 36 -0.99 17.22 -4.79
CA PHE C 36 -0.14 16.13 -5.22
C PHE C 36 0.31 16.37 -6.66
N PRO C 37 1.29 17.27 -6.86
CA PRO C 37 1.57 17.75 -8.22
C PRO C 37 2.01 16.68 -9.18
N THR C 38 2.55 15.56 -8.67
CA THR C 38 2.93 14.47 -9.57
C THR C 38 1.72 13.92 -10.31
N THR C 39 0.52 13.92 -9.71
CA THR C 39 -0.65 13.40 -10.42
C THR C 39 -0.94 14.19 -11.71
N LYS C 40 -0.42 15.41 -11.84
CA LYS C 40 -0.66 16.21 -13.03
C LYS C 40 -0.03 15.60 -14.27
N THR C 41 1.01 14.76 -14.10
CA THR C 41 1.66 14.19 -15.26
C THR C 41 0.73 13.27 -16.04
N TYR C 42 -0.37 12.83 -15.41
CA TYR C 42 -1.37 12.03 -16.12
C TYR C 42 -2.27 12.85 -17.03
N PHE C 43 -2.25 14.17 -16.95
CA PHE C 43 -3.15 15.01 -17.76
C PHE C 43 -2.34 16.07 -18.50
N PRO C 44 -1.37 15.66 -19.34
CA PRO C 44 -0.52 16.65 -19.99
C PRO C 44 -1.25 17.47 -21.02
N HIS C 45 -2.39 17.00 -21.49
CA HIS C 45 -3.19 17.69 -22.50
C HIS C 45 -4.31 18.51 -21.88
N PHE C 46 -4.44 18.52 -20.56
CA PHE C 46 -5.45 19.31 -19.87
C PHE C 46 -4.92 20.70 -19.55
N ASP C 47 -5.75 21.70 -19.80
CA ASP C 47 -5.63 22.96 -19.11
C ASP C 47 -5.95 22.75 -17.62
N LEU C 48 -4.96 22.97 -16.75
CA LEU C 48 -5.09 22.64 -15.33
C LEU C 48 -5.19 23.89 -14.44
N SER C 49 -5.44 25.05 -15.02
CA SER C 49 -5.53 26.25 -14.23
C SER C 49 -6.79 26.26 -13.37
N HIS C 50 -6.79 27.14 -12.37
CA HIS C 50 -7.97 27.32 -11.52
C HIS C 50 -9.18 27.68 -12.39
N GLY C 51 -10.31 27.06 -12.10
CA GLY C 51 -11.51 27.30 -12.87
C GLY C 51 -11.55 26.64 -14.24
N SER C 52 -10.59 25.76 -14.54
CA SER C 52 -10.46 25.18 -15.88
C SER C 52 -11.74 24.47 -16.33
N ALA C 53 -12.14 24.72 -17.58
CA ALA C 53 -13.28 24.02 -18.14
C ALA C 53 -13.00 22.53 -18.33
N GLN C 54 -11.76 22.20 -18.70
CA GLN C 54 -11.40 20.79 -18.86
C GLN C 54 -11.47 20.04 -17.54
N VAL C 55 -11.05 20.65 -16.45
CA VAL C 55 -11.12 19.97 -15.18
C VAL C 55 -12.56 19.84 -14.73
N LYS C 56 -13.40 20.82 -15.04
CA LYS C 56 -14.78 20.75 -14.64
C LYS C 56 -15.49 19.66 -15.36
N GLY C 57 -15.21 19.51 -16.63
CA GLY C 57 -15.84 18.47 -17.43
C GLY C 57 -15.40 17.08 -17.00
N HIS C 58 -14.13 16.94 -16.64
CA HIS C 58 -13.61 15.66 -16.25
C HIS C 58 -14.18 15.25 -14.91
N GLY C 59 -14.35 16.21 -14.03
CA GLY C 59 -14.93 15.95 -12.73
C GLY C 59 -16.31 15.34 -12.86
N LYS C 60 -17.12 15.87 -13.76
CA LYS C 60 -18.43 15.37 -14.01
C LYS C 60 -18.35 13.94 -14.50
N LYS C 61 -17.41 13.63 -15.39
CA LYS C 61 -17.27 12.25 -15.83
C LYS C 61 -16.94 11.34 -14.65
N VAL C 62 -15.99 11.76 -13.81
CA VAL C 62 -15.59 10.92 -12.69
C VAL C 62 -16.78 10.72 -11.74
N ALA C 63 -17.51 11.81 -11.45
CA ALA C 63 -18.67 11.72 -10.57
C ALA C 63 -19.71 10.76 -11.12
N ASP C 64 -20.01 10.87 -12.42
CA ASP C 64 -20.97 9.97 -13.06
C ASP C 64 -20.51 8.52 -13.00
N ALA C 65 -19.21 8.27 -13.18
CA ALA C 65 -18.77 6.89 -13.04
C ALA C 65 -18.94 6.40 -11.61
N LEU C 66 -18.63 7.25 -10.61
CA LEU C 66 -18.82 6.81 -9.23
C LEU C 66 -20.31 6.56 -8.94
N THR C 67 -21.17 7.46 -9.42
CA THR C 67 -22.61 7.22 -9.29
C THR C 67 -22.97 5.87 -9.86
N ASN C 68 -22.48 5.55 -11.05
CA ASN C 68 -22.84 4.26 -11.61
C ASN C 68 -22.24 3.13 -10.78
N ALA C 69 -21.06 3.32 -10.20
CA ALA C 69 -20.54 2.30 -9.30
C ALA C 69 -21.45 2.10 -8.10
N VAL C 70 -22.07 3.17 -7.61
CA VAL C 70 -23.02 3.08 -6.50
C VAL C 70 -24.25 2.29 -6.93
N ALA C 71 -24.86 2.69 -8.06
CA ALA C 71 -25.96 1.93 -8.62
C ALA C 71 -25.64 0.44 -8.74
N HIS C 72 -24.40 0.09 -9.09
CA HIS C 72 -24.06 -1.30 -9.41
C HIS C 72 -23.06 -1.89 -8.42
N VAL C 73 -23.23 -1.60 -7.13
CA VAL C 73 -22.19 -1.91 -6.15
C VAL C 73 -21.96 -3.42 -5.97
N ASP C 74 -22.95 -4.26 -6.26
CA ASP C 74 -22.81 -5.71 -6.16
C ASP C 74 -22.11 -6.34 -7.36
N ASP C 75 -22.08 -5.68 -8.52
CA ASP C 75 -21.36 -6.24 -9.67
C ASP C 75 -20.54 -5.13 -10.34
N MET C 76 -19.70 -4.48 -9.55
CA MET C 76 -18.85 -3.39 -10.03
C MET C 76 -17.88 -3.81 -11.13
N PRO C 77 -17.20 -4.96 -11.04
CA PRO C 77 -16.25 -5.32 -12.10
C PRO C 77 -16.89 -5.32 -13.48
N ASN C 78 -18.11 -5.85 -13.60
CA ASN C 78 -18.78 -5.84 -14.90
C ASN C 78 -19.24 -4.43 -15.27
N ALA C 79 -19.75 -3.69 -14.28
CA ALA C 79 -20.25 -2.35 -14.55
C ALA C 79 -19.11 -1.40 -14.92
N LEU C 80 -17.92 -1.61 -14.37
CA LEU C 80 -16.80 -0.74 -14.60
C LEU C 80 -15.82 -1.30 -15.63
N SER C 81 -16.23 -2.30 -16.41
CA SER C 81 -15.30 -3.00 -17.30
C SER C 81 -14.55 -2.05 -18.21
N ALA C 82 -15.28 -1.14 -18.88
CA ALA C 82 -14.61 -0.25 -19.82
C ALA C 82 -13.69 0.71 -19.09
N LEU C 83 -13.99 1.06 -17.85
CA LEU C 83 -13.14 2.02 -17.16
C LEU C 83 -11.84 1.37 -16.71
N SER C 84 -11.88 0.08 -16.40
CA SER C 84 -10.68 -0.64 -16.02
C SER C 84 -9.77 -0.85 -17.24
N ASP C 85 -10.35 -1.16 -18.40
CA ASP C 85 -9.53 -1.20 -19.61
C ASP C 85 -8.82 0.13 -19.83
N LEU C 86 -9.55 1.25 -19.69
CA LEU C 86 -8.89 2.54 -19.87
C LEU C 86 -7.76 2.74 -18.85
N HIS C 87 -8.05 2.51 -17.56
CA HIS C 87 -7.12 2.91 -16.49
C HIS C 87 -6.00 1.89 -16.27
N ALA C 88 -6.31 0.61 -16.40
CA ALA C 88 -5.36 -0.45 -16.17
C ALA C 88 -4.57 -0.82 -17.44
N HIS C 89 -5.20 -0.82 -18.61
CA HIS C 89 -4.48 -1.27 -19.80
C HIS C 89 -3.80 -0.11 -20.54
N LYS C 90 -4.55 0.95 -20.85
CA LYS C 90 -4.02 2.02 -21.68
C LYS C 90 -3.23 3.03 -20.87
N LEU C 91 -3.82 3.57 -19.82
CA LEU C 91 -3.14 4.58 -19.02
C LEU C 91 -2.11 3.95 -18.09
N ARG C 92 -2.40 2.79 -17.53
CA ARG C 92 -1.53 2.17 -16.54
C ARG C 92 -1.21 3.14 -15.40
N VAL C 93 -2.28 3.63 -14.76
CA VAL C 93 -2.16 4.49 -13.59
C VAL C 93 -1.58 3.72 -12.41
N ASP C 94 -0.61 4.32 -11.75
CA ASP C 94 -0.12 3.75 -10.51
C ASP C 94 -1.21 3.75 -9.43
N PRO C 95 -1.51 2.60 -8.80
CA PRO C 95 -2.53 2.58 -7.73
C PRO C 95 -2.32 3.64 -6.67
N VAL C 96 -1.10 4.09 -6.39
CA VAL C 96 -1.01 5.11 -5.34
C VAL C 96 -1.78 6.39 -5.75
N ASN C 97 -1.92 6.63 -7.05
CA ASN C 97 -2.69 7.82 -7.45
C ASN C 97 -4.16 7.67 -7.13
N PHE C 98 -4.71 6.47 -7.18
CA PHE C 98 -6.10 6.30 -6.74
C PHE C 98 -6.27 6.54 -5.25
N LYS C 99 -5.26 6.24 -4.42
CA LYS C 99 -5.41 6.59 -3.02
C LYS C 99 -5.41 8.10 -2.83
N LEU C 100 -4.63 8.82 -3.66
CA LEU C 100 -4.64 10.29 -3.53
C LEU C 100 -5.99 10.84 -3.94
N LEU C 101 -6.52 10.40 -5.08
CA LEU C 101 -7.81 10.92 -5.49
C LEU C 101 -8.92 10.54 -4.52
N SER C 102 -8.89 9.30 -3.97
CA SER C 102 -9.95 8.94 -3.02
C SER C 102 -9.90 9.79 -1.78
N HIS C 103 -8.69 10.06 -1.28
CA HIS C 103 -8.55 10.93 -0.13
C HIS C 103 -9.12 12.33 -0.43
N CYS C 104 -8.82 12.85 -1.62
CA CYS C 104 -9.34 14.18 -1.95
C CYS C 104 -10.86 14.17 -2.09
N LEU C 105 -11.42 13.06 -2.58
CA LEU C 105 -12.87 12.96 -2.62
C LEU C 105 -13.46 12.96 -1.21
N LEU C 106 -12.80 12.26 -0.27
CA LEU C 106 -13.32 12.27 1.10
C LEU C 106 -13.17 13.64 1.74
N VAL C 107 -12.13 14.38 1.36
CA VAL C 107 -11.98 15.74 1.89
C VAL C 107 -13.09 16.63 1.33
N THR C 108 -13.38 16.50 0.04
CA THR C 108 -14.48 17.27 -0.56
C THR C 108 -15.79 16.99 0.17
N LEU C 109 -16.11 15.71 0.37
CA LEU C 109 -17.37 15.34 1.01
C LEU C 109 -17.46 15.87 2.45
N ALA C 110 -16.38 15.72 3.21
CA ALA C 110 -16.42 16.20 4.58
C ALA C 110 -16.57 17.71 4.61
N ALA C 111 -16.02 18.40 3.61
CA ALA C 111 -16.16 19.86 3.58
C ALA C 111 -17.56 20.29 3.20
N HIS C 112 -18.26 19.50 2.37
CA HIS C 112 -19.55 19.94 1.82
C HIS C 112 -20.76 19.27 2.47
N LEU C 113 -20.59 18.15 3.15
CA LEU C 113 -21.71 17.42 3.75
C LEU C 113 -21.30 16.99 5.15
N PRO C 114 -20.93 17.93 6.01
CA PRO C 114 -20.45 17.55 7.34
C PRO C 114 -21.41 16.64 8.10
N ALA C 115 -22.73 16.86 8.04
CA ALA C 115 -23.63 16.01 8.84
C ALA C 115 -23.72 14.60 8.29
N GLU C 116 -23.48 14.40 7.00
CA GLU C 116 -23.45 13.05 6.44
C GLU C 116 -22.15 12.31 6.79
N PHE C 117 -21.06 13.04 7.04
CA PHE C 117 -19.74 12.45 7.12
C PHE C 117 -19.46 12.01 8.55
N THR C 118 -20.29 11.09 9.04
CA THR C 118 -20.06 10.46 10.32
C THR C 118 -18.87 9.52 10.25
N PRO C 119 -18.38 9.08 11.39
CA PRO C 119 -17.24 8.17 11.38
C PRO C 119 -17.57 6.89 10.65
N ALA C 120 -18.72 6.33 10.89
CA ALA C 120 -19.09 5.12 10.20
C ALA C 120 -19.21 5.33 8.72
N VAL C 121 -19.77 6.46 8.31
CA VAL C 121 -19.94 6.73 6.90
C VAL C 121 -18.63 7.02 6.23
N HIS C 122 -17.69 7.52 6.99
CA HIS C 122 -16.39 7.83 6.54
C HIS C 122 -15.74 6.52 6.17
N ALA C 123 -15.86 5.53 7.03
CA ALA C 123 -15.27 4.26 6.79
C ALA C 123 -15.89 3.56 5.61
N SER C 124 -17.19 3.59 5.51
CA SER C 124 -17.86 2.95 4.41
C SER C 124 -17.45 3.57 3.09
N LEU C 125 -17.40 4.87 3.03
CA LEU C 125 -16.98 5.54 1.81
C LEU C 125 -15.53 5.22 1.48
N ASP C 126 -14.67 5.16 2.49
CA ASP C 126 -13.27 4.84 2.23
C ASP C 126 -13.15 3.46 1.60
N LYS C 127 -13.94 2.48 2.08
CA LYS C 127 -13.88 1.14 1.52
C LYS C 127 -14.42 1.10 0.10
N PHE C 128 -15.53 1.82 -0.14
CA PHE C 128 -16.12 1.91 -1.47
C PHE C 128 -15.10 2.44 -2.49
N LEU C 129 -14.47 3.59 -2.20
CA LEU C 129 -13.49 4.14 -3.14
C LEU C 129 -12.27 3.23 -3.31
N ALA C 130 -11.81 2.59 -2.22
CA ALA C 130 -10.78 1.56 -2.35
C ALA C 130 -11.23 0.43 -3.28
N SER C 131 -12.50 0.02 -3.19
CA SER C 131 -12.97 -1.05 -4.05
CA SER C 131 -12.99 -1.05 -4.05
CA SER C 131 -12.99 -1.05 -4.05
C SER C 131 -13.03 -0.60 -5.50
N VAL C 132 -13.50 0.62 -5.74
CA VAL C 132 -13.52 1.16 -7.09
C VAL C 132 -12.10 1.22 -7.62
N SER C 133 -11.15 1.69 -6.79
CA SER C 133 -9.75 1.80 -7.19
C SER C 133 -9.17 0.47 -7.62
N THR C 134 -9.40 -0.57 -6.82
CA THR C 134 -8.91 -1.92 -7.18
C THR C 134 -9.46 -2.36 -8.53
N VAL C 135 -10.75 -2.23 -8.74
CA VAL C 135 -11.32 -2.63 -10.04
C VAL C 135 -10.65 -1.86 -11.19
N LEU C 136 -10.55 -0.53 -11.06
CA LEU C 136 -10.03 0.29 -12.15
C LEU C 136 -8.55 0.06 -12.43
N THR C 137 -7.78 -0.44 -11.46
CA THR C 137 -6.35 -0.69 -11.66
C THR C 137 -6.04 -2.15 -11.89
N SER C 138 -7.07 -2.99 -12.03
CA SER C 138 -6.88 -4.42 -12.25
CA SER C 138 -6.88 -4.42 -12.25
C SER C 138 -7.22 -4.78 -13.69
N LYS C 139 -6.34 -5.55 -14.32
CA LYS C 139 -6.57 -6.06 -15.67
C LYS C 139 -7.30 -7.39 -15.52
N TYR C 140 -8.60 -7.40 -15.78
CA TYR C 140 -9.36 -8.63 -15.65
C TYR C 140 -10.08 -9.02 -16.93
N ARG C 141 -9.70 -8.45 -18.07
CA ARG C 141 -10.25 -8.87 -19.36
C ARG C 141 -9.42 -9.99 -19.99
N VAL D 1 7.95 19.27 -0.74
CA VAL D 1 7.94 20.67 -1.16
C VAL D 1 7.80 21.57 0.07
N HIS D 2 8.82 22.39 0.33
CA HIS D 2 8.86 23.27 1.50
C HIS D 2 7.84 24.40 1.44
N LEU D 3 7.62 25.06 2.57
CA LEU D 3 6.59 26.09 2.68
C LEU D 3 6.96 27.50 2.25
N THR D 4 6.16 28.07 1.32
CA THR D 4 6.33 29.45 0.89
C THR D 4 5.55 30.39 1.79
N PRO D 5 5.92 31.67 1.83
CA PRO D 5 5.34 32.56 2.85
C PRO D 5 3.82 32.59 2.83
N VAL D 6 3.20 32.49 1.65
CA VAL D 6 1.75 32.61 1.57
C VAL D 6 1.06 31.49 2.34
N GLU D 7 1.44 30.23 2.07
CA GLU D 7 0.74 29.15 2.76
C GLU D 7 1.12 29.08 4.24
N LYS D 8 2.37 29.40 4.58
CA LYS D 8 2.71 29.52 5.98
C LYS D 8 1.68 30.37 6.71
N SER D 9 1.41 31.57 6.20
CA SER D 9 0.36 32.40 6.77
C SER D 9 -0.98 31.67 6.76
N ALA D 10 -1.28 30.95 5.68
CA ALA D 10 -2.62 30.36 5.54
C ALA D 10 -2.87 29.28 6.59
N VAL D 11 -1.91 28.38 6.80
CA VAL D 11 -2.15 27.24 7.68
C VAL D 11 -2.18 27.69 9.13
N THR D 12 -1.18 28.48 9.55
CA THR D 12 -1.17 28.94 10.93
C THR D 12 -2.43 29.74 11.25
N ALA D 13 -2.97 30.47 10.26
CA ALA D 13 -4.22 31.18 10.45
C ALA D 13 -5.33 30.25 10.93
N LEU D 14 -5.54 29.11 10.24
CA LEU D 14 -6.67 28.29 10.63
C LEU D 14 -6.33 27.30 11.73
N TRP D 15 -5.05 27.02 11.95
CA TRP D 15 -4.68 26.23 13.12
C TRP D 15 -5.09 26.92 14.42
N GLY D 16 -5.16 28.25 14.42
CA GLY D 16 -5.57 28.96 15.61
C GLY D 16 -7.03 28.75 15.97
N LYS D 17 -7.89 28.61 14.96
CA LYS D 17 -9.31 28.34 15.19
C LYS D 17 -9.58 26.91 15.62
N VAL D 18 -8.58 26.02 15.57
CA VAL D 18 -8.77 24.63 15.91
C VAL D 18 -9.01 24.47 17.41
N ASN D 19 -10.01 23.67 17.78
CA ASN D 19 -10.28 23.39 19.18
C ASN D 19 -9.41 22.21 19.64
N VAL D 20 -8.58 22.47 20.64
CA VAL D 20 -7.41 21.64 20.95
C VAL D 20 -7.75 20.50 21.90
N ASP D 21 -9.03 20.31 22.23
CA ASP D 21 -9.43 19.21 23.08
C ASP D 21 -10.44 18.30 22.41
N GLU D 22 -10.65 18.44 21.10
CA GLU D 22 -11.56 17.54 20.39
C GLU D 22 -10.94 16.96 19.13
N VAL D 23 -10.52 17.82 18.20
CA VAL D 23 -10.16 17.34 16.87
C VAL D 23 -9.15 16.20 16.95
N GLY D 24 -8.14 16.36 17.80
CA GLY D 24 -7.24 15.25 18.05
C GLY D 24 -7.98 13.97 18.38
N GLY D 25 -9.02 14.07 19.21
CA GLY D 25 -9.78 12.88 19.57
C GLY D 25 -10.57 12.32 18.41
N GLU D 26 -11.10 13.19 17.56
CA GLU D 26 -11.83 12.73 16.38
C GLU D 26 -10.90 12.14 15.34
N ALA D 27 -9.68 12.64 15.27
CA ALA D 27 -8.74 12.11 14.28
C ALA D 27 -8.32 10.70 14.65
N LEU D 28 -7.89 10.50 15.91
CA LEU D 28 -7.55 9.17 16.36
C LEU D 28 -8.76 8.25 16.32
N GLY D 29 -9.90 8.74 16.82
CA GLY D 29 -11.09 7.91 16.82
C GLY D 29 -11.51 7.48 15.42
N ARG D 30 -11.36 8.37 14.44
CA ARG D 30 -11.69 8.01 13.07
C ARG D 30 -10.65 7.06 12.49
N LEU D 31 -9.38 7.20 12.89
CA LEU D 31 -8.36 6.26 12.46
C LEU D 31 -8.69 4.85 12.93
N LEU D 32 -9.09 4.73 14.20
CA LEU D 32 -9.47 3.44 14.77
C LEU D 32 -10.73 2.89 14.14
N VAL D 33 -11.63 3.77 13.67
CA VAL D 33 -12.86 3.31 13.04
C VAL D 33 -12.62 2.96 11.58
N VAL D 34 -11.98 3.87 10.82
CA VAL D 34 -11.85 3.67 9.38
C VAL D 34 -10.81 2.60 9.06
N TYR D 35 -9.75 2.49 9.87
CA TYR D 35 -8.64 1.55 9.68
C TYR D 35 -8.52 0.68 10.95
N PRO D 36 -9.37 -0.33 11.09
CA PRO D 36 -9.61 -0.87 12.44
C PRO D 36 -8.46 -1.69 12.99
N TRP D 37 -7.60 -2.25 12.15
CA TRP D 37 -6.43 -2.95 12.67
C TRP D 37 -5.61 -2.07 13.59
N THR D 38 -5.69 -0.75 13.44
CA THR D 38 -4.97 0.11 14.36
C THR D 38 -5.43 -0.06 15.79
N GLN D 39 -6.65 -0.56 15.99
CA GLN D 39 -7.14 -0.82 17.36
C GLN D 39 -6.15 -1.68 18.14
N ARG D 40 -5.58 -2.69 17.48
CA ARG D 40 -4.62 -3.61 18.08
C ARG D 40 -3.61 -2.87 18.94
N PHE D 41 -3.23 -1.65 18.55
CA PHE D 41 -2.24 -0.91 19.31
C PHE D 41 -2.82 -0.29 20.57
N PHE D 42 -4.06 -0.64 20.95
CA PHE D 42 -4.74 0.05 22.05
C PHE D 42 -5.62 -0.87 22.89
N GLU D 43 -5.27 -2.15 23.00
CA GLU D 43 -6.08 -3.02 23.84
C GLU D 43 -6.12 -2.52 25.28
N SER D 44 -5.11 -1.76 25.69
CA SER D 44 -5.14 -1.11 27.00
C SER D 44 -6.27 -0.10 27.10
N PHE D 45 -6.72 0.48 25.98
CA PHE D 45 -7.66 1.59 26.02
C PHE D 45 -9.11 1.16 26.24
N GLY D 46 -9.39 -0.13 26.29
CA GLY D 46 -10.75 -0.58 26.55
C GLY D 46 -11.69 -0.56 25.35
N ASP D 47 -12.92 -0.11 25.59
CA ASP D 47 -14.00 -0.32 24.64
C ASP D 47 -13.78 0.47 23.36
N LEU D 48 -13.62 -0.26 22.24
CA LEU D 48 -13.45 0.35 20.92
C LEU D 48 -14.31 -0.33 19.87
N SER D 49 -15.34 -1.08 20.29
CA SER D 49 -15.99 -2.06 19.43
C SER D 49 -17.07 -1.49 18.52
N THR D 50 -17.40 -0.22 18.63
CA THR D 50 -18.31 0.42 17.71
C THR D 50 -17.84 1.84 17.51
N PRO D 51 -18.26 2.49 16.42
CA PRO D 51 -17.90 3.90 16.23
C PRO D 51 -18.23 4.72 17.46
N ASP D 52 -19.50 4.87 17.80
CA ASP D 52 -19.86 5.72 18.92
C ASP D 52 -19.08 5.35 20.17
N ALA D 53 -18.84 4.06 20.39
CA ALA D 53 -17.97 3.62 21.47
C ALA D 53 -16.58 4.25 21.36
N VAL D 54 -15.96 4.12 20.18
CA VAL D 54 -14.64 4.74 19.95
C VAL D 54 -14.72 6.25 20.18
N MET D 55 -15.62 6.92 19.45
CA MET D 55 -15.56 8.38 19.34
C MET D 55 -15.79 9.11 20.66
N GLY D 56 -16.21 8.39 21.71
CA GLY D 56 -16.40 9.04 22.98
C GLY D 56 -15.47 8.50 24.05
N ASN D 57 -14.67 7.50 23.70
CA ASN D 57 -13.80 6.87 24.68
C ASN D 57 -12.88 7.92 25.29
N PRO D 58 -12.93 8.13 26.60
CA PRO D 58 -12.12 9.20 27.21
C PRO D 58 -10.64 9.01 26.97
N LYS D 59 -10.18 7.76 27.02
CA LYS D 59 -8.81 7.46 26.60
C LYS D 59 -8.52 8.08 25.23
N VAL D 60 -9.37 7.79 24.25
CA VAL D 60 -9.12 8.23 22.88
C VAL D 60 -9.01 9.75 22.83
N LYS D 61 -9.96 10.44 23.42
CA LYS D 61 -9.91 11.88 23.35
C LYS D 61 -8.69 12.40 24.05
N ALA D 62 -8.35 11.74 25.14
CA ALA D 62 -7.19 12.12 25.92
C ALA D 62 -5.95 11.95 25.09
N HIS D 63 -5.80 10.77 24.50
CA HIS D 63 -4.66 10.50 23.66
C HIS D 63 -4.56 11.47 22.50
N GLY D 64 -5.70 11.72 21.86
CA GLY D 64 -5.78 12.65 20.73
C GLY D 64 -5.14 13.98 20.99
N LYS D 65 -5.49 14.56 22.14
CA LYS D 65 -4.98 15.85 22.57
C LYS D 65 -3.49 15.91 22.47
N LYS D 66 -2.82 14.89 22.98
CA LYS D 66 -1.38 14.98 22.89
C LYS D 66 -0.87 14.75 21.46
N VAL D 67 -1.64 14.07 20.63
CA VAL D 67 -1.22 13.92 19.23
C VAL D 67 -1.36 15.25 18.51
N LEU D 68 -2.50 15.92 18.70
CA LEU D 68 -2.66 17.26 18.15
C LEU D 68 -1.56 18.18 18.66
N GLY D 69 -1.26 18.09 19.96
CA GLY D 69 -0.17 18.86 20.51
C GLY D 69 1.15 18.54 19.83
N ALA D 70 1.42 17.24 19.63
CA ALA D 70 2.58 16.86 18.84
C ALA D 70 2.57 17.58 17.49
N PHE D 71 1.41 17.64 16.85
CA PHE D 71 1.32 18.32 15.55
C PHE D 71 1.61 19.81 15.69
N SER D 72 1.00 20.46 16.69
CA SER D 72 1.30 21.87 16.95
C SER D 72 2.81 22.10 17.03
N ASP D 73 3.53 21.20 17.70
CA ASP D 73 4.99 21.32 17.79
C ASP D 73 5.63 21.37 16.40
N GLY D 74 5.29 20.39 15.56
CA GLY D 74 5.83 20.37 14.21
C GLY D 74 5.58 21.67 13.46
N LEU D 75 4.36 22.19 13.56
CA LEU D 75 4.08 23.51 13.00
C LEU D 75 5.11 24.53 13.46
N ALA D 76 5.31 24.64 14.78
CA ALA D 76 6.25 25.64 15.28
C ALA D 76 7.69 25.37 14.86
N HIS D 77 8.00 24.18 14.35
CA HIS D 77 9.39 23.81 14.05
C HIS D 77 9.51 23.11 12.70
N LEU D 78 8.86 23.68 11.68
CA LEU D 78 8.87 23.07 10.35
C LEU D 78 10.30 22.92 9.84
N ASP D 79 11.07 24.01 9.88
CA ASP D 79 12.43 24.02 9.37
C ASP D 79 13.27 22.85 9.87
N ASN D 80 12.88 22.21 10.98
CA ASN D 80 13.62 21.07 11.49
C ASN D 80 12.62 20.13 12.17
N LEU D 81 11.94 19.32 11.36
CA LEU D 81 10.90 18.48 11.91
C LEU D 81 11.46 17.18 12.51
N LYS D 82 12.52 16.63 11.92
CA LYS D 82 12.99 15.34 12.39
C LYS D 82 13.56 15.45 13.80
N GLY D 83 14.28 16.53 14.08
CA GLY D 83 14.70 16.77 15.45
C GLY D 83 13.53 16.80 16.40
N THR D 84 12.47 17.53 16.04
CA THR D 84 11.31 17.63 16.90
C THR D 84 10.80 16.26 17.31
N PHE D 85 10.59 15.37 16.33
CA PHE D 85 10.00 14.06 16.55
C PHE D 85 11.03 12.96 16.75
N ALA D 86 12.27 13.31 17.08
CA ALA D 86 13.29 12.30 17.26
C ALA D 86 12.86 11.26 18.28
N THR D 87 12.45 11.72 19.47
CA THR D 87 12.04 10.78 20.52
C THR D 87 10.79 10.02 20.11
N LEU D 88 9.79 10.72 19.60
CA LEU D 88 8.58 10.05 19.13
C LEU D 88 8.91 8.97 18.11
N SER D 89 9.81 9.25 17.19
CA SER D 89 10.18 8.23 16.23
C SER D 89 10.63 6.96 16.93
N GLU D 90 11.42 7.12 17.99
CA GLU D 90 11.97 5.97 18.70
C GLU D 90 10.86 5.12 19.30
N LEU D 91 9.92 5.75 20.01
CA LEU D 91 8.84 4.99 20.63
C LEU D 91 8.01 4.25 19.58
N HIS D 92 7.53 4.97 18.57
CA HIS D 92 6.63 4.36 17.60
C HIS D 92 7.35 3.30 16.78
N CYS D 93 8.59 3.57 16.35
CA CYS D 93 9.29 2.64 15.47
C CYS D 93 9.96 1.53 16.26
N ASP D 94 10.84 1.89 17.18
CA ASP D 94 11.65 0.91 17.89
C ASP D 94 10.82 0.14 18.92
N LYS D 95 9.92 0.80 19.62
CA LYS D 95 9.19 0.14 20.71
C LYS D 95 7.93 -0.56 20.20
N LEU D 96 6.96 0.20 19.68
CA LEU D 96 5.69 -0.40 19.30
C LEU D 96 5.74 -1.12 17.96
N HIS D 97 6.66 -0.74 17.07
CA HIS D 97 6.75 -1.31 15.72
C HIS D 97 5.48 -1.05 14.90
N VAL D 98 5.10 0.23 14.82
CA VAL D 98 3.96 0.65 13.99
C VAL D 98 4.41 0.79 12.55
N ASP D 99 3.76 0.08 11.64
CA ASP D 99 4.13 0.23 10.25
C ASP D 99 3.97 1.69 9.83
N PRO D 100 4.97 2.29 9.17
CA PRO D 100 4.91 3.72 8.88
C PRO D 100 3.79 4.13 7.91
N GLU D 101 3.25 3.21 7.12
CA GLU D 101 2.08 3.58 6.34
C GLU D 101 0.94 4.06 7.25
N ASN D 102 0.85 3.50 8.46
CA ASN D 102 -0.18 3.95 9.39
C ASN D 102 0.00 5.42 9.76
N PHE D 103 1.25 5.91 9.80
CA PHE D 103 1.49 7.33 10.04
C PHE D 103 0.81 8.17 8.97
N ARG D 104 1.05 7.83 7.70
CA ARG D 104 0.47 8.57 6.58
C ARG D 104 -1.06 8.60 6.69
N LEU D 105 -1.66 7.49 7.11
CA LEU D 105 -3.11 7.41 7.22
C LEU D 105 -3.63 8.37 8.28
N LEU D 106 -2.92 8.48 9.41
CA LEU D 106 -3.43 9.36 10.46
C LEU D 106 -3.36 10.81 10.02
N GLY D 107 -2.28 11.19 9.33
CA GLY D 107 -2.19 12.53 8.81
C GLY D 107 -3.31 12.84 7.85
N ASN D 108 -3.71 11.86 7.04
CA ASN D 108 -4.80 12.13 6.10
C ASN D 108 -6.14 12.17 6.80
N VAL D 109 -6.30 11.44 7.91
CA VAL D 109 -7.54 11.53 8.68
C VAL D 109 -7.63 12.88 9.39
N LEU D 110 -6.53 13.34 9.99
CA LEU D 110 -6.51 14.70 10.52
C LEU D 110 -6.92 15.72 9.46
N VAL D 111 -6.38 15.58 8.25
CA VAL D 111 -6.75 16.49 7.16
C VAL D 111 -8.23 16.40 6.87
N CYS D 112 -8.77 15.17 6.89
CA CYS D 112 -10.21 15.05 6.76
C CYS D 112 -10.91 15.77 7.88
N VAL D 113 -10.41 15.64 9.12
CA VAL D 113 -11.14 16.23 10.24
C VAL D 113 -11.07 17.74 10.21
N LEU D 114 -10.01 18.31 9.65
CA LEU D 114 -9.98 19.76 9.45
C LEU D 114 -11.03 20.18 8.42
N ALA D 115 -11.21 19.38 7.36
CA ALA D 115 -12.23 19.67 6.37
C ALA D 115 -13.63 19.59 6.95
N HIS D 116 -13.92 18.51 7.68
CA HIS D 116 -15.20 18.38 8.36
C HIS D 116 -15.55 19.64 9.16
N HIS D 117 -14.61 20.14 9.96
CA HIS D 117 -14.88 21.26 10.84
C HIS D 117 -14.94 22.59 10.09
N PHE D 118 -13.90 22.89 9.31
CA PHE D 118 -13.76 24.22 8.71
C PHE D 118 -14.53 24.39 7.41
N GLY D 119 -15.04 23.32 6.84
CA GLY D 119 -15.82 23.40 5.62
C GLY D 119 -15.15 24.18 4.49
N LYS D 120 -15.86 25.21 4.02
CA LYS D 120 -15.37 25.96 2.87
C LYS D 120 -14.06 26.68 3.17
N GLU D 121 -13.82 27.04 4.43
CA GLU D 121 -12.54 27.63 4.81
C GLU D 121 -11.35 26.70 4.51
N PHE D 122 -11.56 25.40 4.41
CA PHE D 122 -10.47 24.47 4.08
C PHE D 122 -10.38 24.34 2.56
N THR D 123 -9.92 25.43 1.94
CA THR D 123 -9.80 25.48 0.49
C THR D 123 -8.77 24.47 -0.04
N PRO D 124 -8.83 24.18 -1.34
CA PRO D 124 -7.82 23.32 -1.95
C PRO D 124 -6.42 23.82 -1.66
N PRO D 125 -6.18 25.13 -1.74
CA PRO D 125 -4.81 25.62 -1.46
C PRO D 125 -4.39 25.45 -0.01
N VAL D 126 -5.33 25.57 0.94
CA VAL D 126 -4.97 25.35 2.34
C VAL D 126 -4.79 23.86 2.62
N GLN D 127 -5.55 23.01 1.94
CA GLN D 127 -5.24 21.58 2.00
C GLN D 127 -3.84 21.30 1.47
N ALA D 128 -3.51 21.88 0.31
CA ALA D 128 -2.20 21.67 -0.27
C ALA D 128 -1.08 21.98 0.74
N ALA D 129 -1.20 23.09 1.47
CA ALA D 129 -0.18 23.40 2.45
C ALA D 129 -0.16 22.36 3.56
N TYR D 130 -1.34 22.03 4.10
CA TYR D 130 -1.40 21.06 5.18
C TYR D 130 -0.86 19.69 4.74
N GLN D 131 -1.11 19.29 3.50
CA GLN D 131 -0.59 18.00 3.04
C GLN D 131 0.93 17.98 3.07
N LYS D 132 1.55 19.12 2.79
CA LYS D 132 3.00 19.24 2.98
C LYS D 132 3.36 19.00 4.44
N VAL D 133 2.55 19.52 5.35
CA VAL D 133 2.89 19.45 6.77
C VAL D 133 2.76 18.04 7.29
N VAL D 134 1.63 17.39 7.03
CA VAL D 134 1.42 16.05 7.57
C VAL D 134 2.45 15.09 7.01
N ALA D 135 2.75 15.18 5.71
CA ALA D 135 3.79 14.31 5.15
C ALA D 135 5.13 14.56 5.82
N GLY D 136 5.33 15.76 6.36
CA GLY D 136 6.52 16.02 7.15
C GLY D 136 6.49 15.32 8.49
N VAL D 137 5.33 15.32 9.16
CA VAL D 137 5.25 14.65 10.44
C VAL D 137 5.35 13.14 10.28
N ALA D 138 4.73 12.59 9.24
CA ALA D 138 4.84 11.15 9.02
C ALA D 138 6.27 10.77 8.69
N ASN D 139 6.93 11.55 7.81
CA ASN D 139 8.32 11.24 7.48
C ASN D 139 9.23 11.40 8.69
N ALA D 140 9.14 12.54 9.37
CA ALA D 140 9.94 12.74 10.57
C ALA D 140 9.71 11.62 11.57
N LEU D 141 8.46 11.15 11.67
CA LEU D 141 8.11 10.14 12.66
C LEU D 141 8.77 8.79 12.37
N ALA D 142 8.97 8.46 11.10
CA ALA D 142 9.58 7.18 10.72
C ALA D 142 11.08 7.30 10.45
N HIS D 143 11.70 8.42 10.85
CA HIS D 143 13.11 8.65 10.51
C HIS D 143 13.99 7.52 10.98
N LYS D 144 13.65 6.87 12.09
CA LYS D 144 14.49 5.80 12.61
C LYS D 144 14.38 4.53 11.77
N TYR D 145 13.32 4.40 10.97
CA TYR D 145 13.23 3.33 9.99
C TYR D 145 14.16 3.54 8.81
N HIS D 146 14.75 4.72 8.67
CA HIS D 146 15.49 5.08 7.47
C HIS D 146 17.00 4.95 7.65
#